data_6X5V
#
_entry.id   6X5V
#
_cell.length_a   49.816
_cell.length_b   61.598
_cell.length_c   63.434
_cell.angle_alpha   118.958
_cell.angle_beta   106.000
_cell.angle_gamma   93.318
#
_symmetry.space_group_name_H-M   'P 1'
#
loop_
_entity.id
_entity.type
_entity.pdbx_description
1 polymer 'Antifreeze protein'
2 polymer Peptide
3 non-polymer 'PENTAETHYLENE GLYCOL'
4 non-polymer 'CALCIUM ION'
5 water water
#
loop_
_entity_poly.entity_id
_entity_poly.type
_entity_poly.pdbx_seq_one_letter_code
_entity_poly.pdbx_strand_id
1 'polypeptide(L)'
;EATAGTVTVNAITSDDTIDGIELGQTISISGKAVGGDISVGDVVKMTINNTEYSTTVKAGGIWMIAGVLGSDLAADSEFD
VVVTSSDAAGNKVQSIGTSTHSVDLSAEANFSLAEGQQHVLTNLPEGFGFPDGTTEVVTNFGGTITLGDDGEYRYDAPVR
DHGDAVSDKDSVTVTLEDGRTFTVNLDIQDSAPVAVDDQDSIVVQHEEFEVSEIAASWVSYTHGESVTTFDGTSDLGGVD
NDSAKDQIRWGNPAESKQSGYGFIDNDSNLEGRFDLNQDISVGTFTHYNYPVYSGGAITSAEMSVEFSVLDHLGVSTPVT
LTVNFDHNETPNTNDVNASRDIVTVQNTHVTFERDGDIYTVQIVGFREVGNPDGEVVTSIYTNENAATSYELVVRVVEGD
GYSLPSTEGNIFDDNGLGADSLGADGSVTVVGVAVGAIVSSNESVGHSIEGQYGNLVLNSDGSYVYDVTASVSDIPAGAT
ESFAYLIQDQDGSTSSANLSINVGTN
;
A
2 'polypeptide(L)' GYTS B
#
# COMPACT_ATOMS: atom_id res chain seq x y z
N GLU A 1 35.51 -11.33 -82.59
CA GLU A 1 34.43 -11.70 -81.67
C GLU A 1 33.30 -10.68 -81.68
N ALA A 2 32.07 -11.16 -81.52
CA ALA A 2 30.97 -10.27 -81.19
C ALA A 2 31.17 -9.69 -79.79
N THR A 3 30.62 -8.52 -79.57
CA THR A 3 30.88 -7.76 -78.36
C THR A 3 29.77 -8.02 -77.35
N ALA A 4 30.12 -8.60 -76.22
CA ALA A 4 29.15 -8.81 -75.15
C ALA A 4 28.69 -7.46 -74.62
N GLY A 5 27.42 -7.41 -74.22
CA GLY A 5 26.87 -6.25 -73.56
C GLY A 5 26.69 -6.45 -72.07
N THR A 6 25.96 -5.52 -71.47
CA THR A 6 25.70 -5.50 -70.05
C THR A 6 24.24 -5.89 -69.79
N VAL A 7 24.07 -6.93 -68.98
CA VAL A 7 22.75 -7.48 -68.65
C VAL A 7 22.59 -7.31 -67.15
N THR A 8 21.55 -6.59 -66.75
CA THR A 8 21.26 -6.37 -65.35
C THR A 8 19.83 -6.83 -65.06
N VAL A 9 19.60 -7.16 -63.80
CA VAL A 9 18.29 -7.59 -63.31
C VAL A 9 17.86 -6.64 -62.21
N ASN A 10 16.67 -6.08 -62.36
CA ASN A 10 16.13 -5.20 -61.35
C ASN A 10 15.81 -6.00 -60.10
N ALA A 11 15.59 -5.28 -59.01
CA ALA A 11 15.22 -5.91 -57.75
C ALA A 11 13.99 -6.80 -57.92
N ILE A 12 14.01 -7.97 -57.29
CA ILE A 12 12.90 -8.93 -57.32
C ILE A 12 11.85 -8.43 -56.33
N THR A 13 10.87 -7.68 -56.83
CA THR A 13 9.98 -6.85 -56.03
C THR A 13 10.78 -5.72 -55.40
N SER A 14 10.08 -4.71 -54.84
CA SER A 14 10.73 -3.47 -54.44
C SER A 14 11.83 -3.70 -53.41
N ASP A 15 11.63 -4.62 -52.47
CA ASP A 15 12.61 -4.87 -51.42
C ASP A 15 13.52 -6.04 -51.75
N ASP A 16 13.50 -6.51 -53.01
CA ASP A 16 14.41 -7.58 -53.44
C ASP A 16 14.29 -8.80 -52.56
N THR A 17 13.09 -9.00 -51.99
CA THR A 17 12.78 -10.14 -51.15
C THR A 17 11.43 -10.69 -51.54
N ILE A 18 11.31 -12.02 -51.51
CA ILE A 18 10.03 -12.71 -51.70
C ILE A 18 9.52 -13.00 -50.30
N ASP A 19 8.33 -12.49 -49.97
CA ASP A 19 7.74 -12.68 -48.66
C ASP A 19 6.56 -13.65 -48.77
N GLY A 20 5.89 -13.85 -47.63
CA GLY A 20 4.84 -14.85 -47.57
C GLY A 20 3.62 -14.54 -48.39
N ILE A 21 3.34 -13.25 -48.65
CA ILE A 21 2.20 -12.89 -49.46
C ILE A 21 2.57 -13.05 -50.93
N GLU A 22 3.75 -12.56 -51.31
CA GLU A 22 4.23 -12.72 -52.67
C GLU A 22 4.37 -14.19 -53.05
N LEU A 23 4.58 -15.06 -52.07
CA LEU A 23 4.73 -16.48 -52.32
C LEU A 23 3.55 -17.03 -53.12
N GLY A 24 2.36 -16.48 -52.93
CA GLY A 24 1.20 -16.96 -53.65
C GLY A 24 0.80 -16.14 -54.87
N GLN A 25 1.70 -15.31 -55.39
CA GLN A 25 1.37 -14.40 -56.47
C GLN A 25 2.27 -14.67 -57.66
N THR A 26 1.94 -14.03 -58.77
CA THR A 26 2.78 -14.07 -59.95
C THR A 26 3.57 -12.77 -59.99
N ILE A 27 4.88 -12.88 -60.14
CA ILE A 27 5.81 -11.77 -60.00
C ILE A 27 6.46 -11.45 -61.35
N SER A 28 6.38 -10.19 -61.75
CA SER A 28 7.09 -9.71 -62.92
C SER A 28 8.56 -9.51 -62.61
N ILE A 29 9.42 -9.94 -63.53
CA ILE A 29 10.87 -9.79 -63.43
C ILE A 29 11.30 -8.84 -64.55
N SER A 30 12.23 -7.95 -64.28
CA SER A 30 12.63 -7.04 -65.35
C SER A 30 14.10 -6.68 -65.22
N GLY A 31 14.63 -6.14 -66.30
CA GLY A 31 16.03 -5.75 -66.31
C GLY A 31 16.40 -4.98 -67.55
N LYS A 32 17.70 -4.86 -67.74
CA LYS A 32 18.25 -4.13 -68.87
C LYS A 32 19.26 -5.00 -69.58
N ALA A 33 19.43 -4.73 -70.86
CA ALA A 33 20.37 -5.44 -71.72
C ALA A 33 20.80 -4.42 -72.77
N VAL A 34 21.98 -3.84 -72.56
N VAL A 34 21.98 -3.83 -72.56
CA VAL A 34 22.41 -2.71 -73.37
CA VAL A 34 22.42 -2.70 -73.38
C VAL A 34 23.90 -2.82 -73.64
C VAL A 34 23.90 -2.89 -73.70
N GLY A 35 24.32 -2.23 -74.76
CA GLY A 35 25.72 -2.20 -75.09
C GLY A 35 26.18 -3.36 -75.93
N GLY A 36 27.47 -3.30 -76.27
CA GLY A 36 28.03 -4.31 -77.16
C GLY A 36 27.19 -4.47 -78.40
N ASP A 37 27.00 -5.71 -78.82
CA ASP A 37 26.17 -6.06 -79.95
C ASP A 37 24.76 -6.47 -79.56
N ILE A 38 24.35 -6.19 -78.32
CA ILE A 38 22.96 -6.43 -77.95
C ILE A 38 22.07 -5.53 -78.80
N SER A 39 21.05 -6.13 -79.40
CA SER A 39 20.14 -5.44 -80.30
C SER A 39 18.70 -5.68 -79.85
N VAL A 40 17.86 -4.66 -80.04
CA VAL A 40 16.43 -4.87 -79.84
C VAL A 40 16.02 -6.13 -80.59
N GLY A 41 15.21 -6.95 -79.94
CA GLY A 41 14.75 -8.22 -80.48
C GLY A 41 15.54 -9.43 -80.02
N ASP A 42 16.69 -9.23 -79.39
CA ASP A 42 17.54 -10.35 -78.99
C ASP A 42 16.86 -11.19 -77.91
N VAL A 43 17.15 -12.50 -77.96
CA VAL A 43 16.57 -13.48 -77.07
C VAL A 43 17.19 -13.37 -75.69
N VAL A 44 16.33 -13.36 -74.67
CA VAL A 44 16.65 -13.32 -73.25
C VAL A 44 16.12 -14.59 -72.61
N LYS A 45 16.97 -15.31 -71.90
CA LYS A 45 16.57 -16.58 -71.30
C LYS A 45 17.06 -16.66 -69.85
N MET A 46 16.26 -17.30 -68.99
CA MET A 46 16.67 -17.51 -67.61
C MET A 46 15.98 -18.77 -67.10
N THR A 47 16.67 -19.50 -66.23
CA THR A 47 16.09 -20.69 -65.60
C THR A 47 15.91 -20.37 -64.12
N ILE A 48 14.67 -20.48 -63.64
CA ILE A 48 14.32 -20.16 -62.27
C ILE A 48 13.59 -21.38 -61.72
N ASN A 49 14.11 -21.96 -60.64
CA ASN A 49 13.54 -23.17 -60.06
C ASN A 49 13.25 -24.21 -61.14
N ASN A 50 14.20 -24.37 -62.06
CA ASN A 50 14.16 -25.38 -63.11
C ASN A 50 13.05 -25.19 -64.13
N THR A 51 12.52 -23.97 -64.27
CA THR A 51 11.64 -23.61 -65.37
C THR A 51 12.32 -22.52 -66.18
N GLU A 52 12.39 -22.69 -67.49
N GLU A 52 12.38 -22.68 -67.50
CA GLU A 52 13.00 -21.66 -68.35
CA GLU A 52 12.97 -21.68 -68.37
C GLU A 52 11.94 -20.63 -68.74
C GLU A 52 11.91 -20.63 -68.72
N TYR A 53 12.25 -19.37 -68.50
CA TYR A 53 11.46 -18.23 -68.95
C TYR A 53 12.27 -17.54 -70.02
N SER A 54 11.59 -17.06 -71.07
CA SER A 54 12.26 -16.34 -72.14
C SER A 54 11.46 -15.11 -72.51
N THR A 55 12.15 -14.16 -73.14
CA THR A 55 11.53 -12.97 -73.70
C THR A 55 12.55 -12.36 -74.63
N THR A 56 12.28 -11.14 -75.07
CA THR A 56 13.19 -10.45 -75.98
C THR A 56 13.53 -9.07 -75.45
N VAL A 57 14.65 -8.54 -75.95
CA VAL A 57 15.08 -7.19 -75.60
C VAL A 57 14.18 -6.19 -76.30
N LYS A 58 13.69 -5.22 -75.55
CA LYS A 58 12.84 -4.18 -76.10
C LYS A 58 13.61 -2.89 -76.26
N ALA A 59 12.98 -1.93 -76.95
CA ALA A 59 13.54 -0.60 -77.07
C ALA A 59 13.96 -0.05 -75.72
N GLY A 60 15.09 0.67 -75.72
CA GLY A 60 15.71 1.12 -74.48
C GLY A 60 16.56 0.10 -73.80
N GLY A 61 16.68 -1.10 -74.36
CA GLY A 61 17.44 -2.16 -73.73
C GLY A 61 16.69 -2.87 -72.63
N ILE A 62 15.38 -2.67 -72.55
CA ILE A 62 14.59 -3.19 -71.44
C ILE A 62 14.20 -4.63 -71.75
N TRP A 63 14.05 -5.43 -70.71
CA TRP A 63 13.42 -6.74 -70.88
C TRP A 63 12.56 -7.02 -69.65
N MET A 64 11.52 -7.83 -69.86
CA MET A 64 10.58 -8.13 -68.78
C MET A 64 9.95 -9.49 -69.01
N ILE A 65 9.92 -10.30 -67.96
CA ILE A 65 9.13 -11.53 -67.90
C ILE A 65 7.84 -11.20 -67.18
N ALA A 66 6.70 -11.38 -67.85
CA ALA A 66 5.44 -10.88 -67.34
C ALA A 66 5.07 -11.52 -66.01
N GLY A 67 5.32 -12.82 -65.86
CA GLY A 67 4.81 -13.51 -64.71
C GLY A 67 5.60 -14.73 -64.34
N VAL A 68 6.34 -14.65 -63.24
CA VAL A 68 7.05 -15.78 -62.65
C VAL A 68 6.35 -16.11 -61.35
N LEU A 69 6.14 -17.39 -61.08
CA LEU A 69 5.45 -17.77 -59.86
C LEU A 69 6.29 -17.36 -58.66
N GLY A 70 5.67 -16.72 -57.67
CA GLY A 70 6.36 -16.43 -56.43
C GLY A 70 6.94 -17.66 -55.77
N SER A 71 6.27 -18.81 -55.90
CA SER A 71 6.78 -20.04 -55.31
C SER A 71 8.07 -20.49 -55.96
N ASP A 72 8.21 -20.26 -57.27
CA ASP A 72 9.48 -20.57 -57.94
C ASP A 72 10.60 -19.66 -57.43
N LEU A 73 10.31 -18.36 -57.30
CA LEU A 73 11.29 -17.41 -56.78
C LEU A 73 11.63 -17.70 -55.31
N ALA A 74 10.67 -18.21 -54.54
CA ALA A 74 10.96 -18.56 -53.16
C ALA A 74 11.86 -19.78 -53.10
N ALA A 75 11.75 -20.67 -54.09
CA ALA A 75 12.58 -21.88 -54.11
C ALA A 75 13.95 -21.64 -54.70
N ASP A 76 14.15 -20.57 -55.46
CA ASP A 76 15.41 -20.36 -56.17
C ASP A 76 15.78 -18.89 -56.05
N SER A 77 16.80 -18.59 -55.26
CA SER A 77 17.13 -17.23 -54.88
C SER A 77 18.24 -16.64 -55.73
N GLU A 78 18.74 -17.36 -56.72
CA GLU A 78 19.79 -16.85 -57.59
C GLU A 78 19.62 -17.43 -58.99
N PHE A 79 19.72 -16.58 -60.01
CA PHE A 79 19.62 -17.09 -61.36
C PHE A 79 20.37 -16.16 -62.31
N ASP A 80 20.87 -16.76 -63.41
CA ASP A 80 21.49 -16.03 -64.49
C ASP A 80 20.47 -15.67 -65.56
N VAL A 81 20.68 -14.52 -66.19
CA VAL A 81 19.92 -14.09 -67.36
C VAL A 81 20.91 -14.03 -68.53
N VAL A 82 20.58 -14.69 -69.62
CA VAL A 82 21.48 -14.87 -70.76
C VAL A 82 20.82 -14.25 -71.97
N VAL A 83 21.50 -13.28 -72.59
CA VAL A 83 21.04 -12.63 -73.81
C VAL A 83 21.94 -13.08 -74.94
N THR A 84 21.33 -13.51 -76.04
CA THR A 84 22.06 -14.00 -77.20
C THR A 84 22.01 -12.92 -78.30
N SER A 85 23.18 -12.49 -78.76
CA SER A 85 23.25 -11.42 -79.74
C SER A 85 24.25 -11.78 -80.83
N SER A 86 24.24 -10.99 -81.90
CA SER A 86 25.14 -11.18 -83.03
C SER A 86 25.67 -9.83 -83.45
N ASP A 87 26.81 -9.84 -84.14
CA ASP A 87 27.34 -8.63 -84.75
C ASP A 87 26.98 -8.62 -86.23
N ALA A 88 27.39 -7.57 -86.92
CA ALA A 88 27.01 -7.42 -88.33
C ALA A 88 27.47 -8.61 -89.16
N ALA A 89 28.64 -9.16 -88.85
CA ALA A 89 29.21 -10.27 -89.61
C ALA A 89 28.58 -11.62 -89.28
N GLY A 90 27.74 -11.68 -88.25
CA GLY A 90 27.14 -12.94 -87.84
C GLY A 90 27.85 -13.64 -86.70
N ASN A 91 28.88 -13.03 -86.13
CA ASN A 91 29.50 -13.58 -84.93
C ASN A 91 28.48 -13.50 -83.80
N LYS A 92 28.42 -14.53 -82.96
CA LYS A 92 27.45 -14.62 -81.90
C LYS A 92 28.14 -14.47 -80.55
N VAL A 93 27.39 -13.96 -79.57
CA VAL A 93 27.92 -13.77 -78.23
C VAL A 93 26.77 -13.90 -77.24
N GLN A 94 27.10 -14.40 -76.06
CA GLN A 94 26.18 -14.42 -74.94
C GLN A 94 26.62 -13.41 -73.90
N SER A 95 25.69 -12.54 -73.50
CA SER A 95 25.89 -11.58 -72.43
C SER A 95 25.11 -12.08 -71.24
N ILE A 96 25.72 -12.09 -70.07
CA ILE A 96 25.13 -12.74 -68.91
C ILE A 96 25.09 -11.78 -67.74
N GLY A 97 23.96 -11.76 -67.06
CA GLY A 97 23.85 -11.04 -65.80
C GLY A 97 23.36 -12.00 -64.72
N THR A 98 23.58 -11.70 -63.46
CA THR A 98 23.16 -12.55 -62.36
C THR A 98 22.26 -11.76 -61.43
N SER A 99 21.20 -12.42 -60.97
CA SER A 99 20.27 -11.85 -60.03
C SER A 99 20.32 -12.72 -58.78
N THR A 100 20.36 -12.07 -57.62
CA THR A 100 20.08 -12.70 -56.34
C THR A 100 18.94 -11.95 -55.66
N HIS A 101 18.23 -12.63 -54.77
CA HIS A 101 17.23 -11.98 -53.95
C HIS A 101 17.11 -12.76 -52.65
N SER A 102 16.43 -12.16 -51.70
CA SER A 102 16.23 -12.76 -50.39
C SER A 102 14.85 -13.41 -50.36
N VAL A 103 14.74 -14.45 -49.57
CA VAL A 103 13.47 -15.13 -49.35
C VAL A 103 13.21 -15.10 -47.85
N ASP A 104 12.11 -14.43 -47.46
CA ASP A 104 11.73 -14.30 -46.04
C ASP A 104 10.22 -14.46 -45.99
N LEU A 105 9.76 -15.71 -45.78
CA LEU A 105 8.34 -16.05 -45.79
C LEU A 105 7.70 -15.86 -44.41
N SER A 106 8.35 -15.13 -43.52
CA SER A 106 7.84 -14.91 -42.19
C SER A 106 6.94 -13.68 -42.14
N ALA A 107 6.12 -13.63 -41.09
CA ALA A 107 5.32 -12.46 -40.79
C ALA A 107 5.10 -12.43 -39.28
N GLU A 108 5.17 -11.26 -38.69
CA GLU A 108 4.99 -11.18 -37.25
C GLU A 108 3.66 -10.52 -36.91
N ALA A 109 3.14 -10.89 -35.74
CA ALA A 109 1.89 -10.35 -35.23
C ALA A 109 2.15 -10.01 -33.77
N ASN A 110 2.01 -8.75 -33.40
CA ASN A 110 2.46 -8.27 -32.09
C ASN A 110 1.29 -7.77 -31.28
N PHE A 111 1.24 -8.22 -30.01
CA PHE A 111 0.14 -7.91 -29.12
C PHE A 111 0.69 -7.55 -27.76
N SER A 112 -0.08 -6.75 -27.04
CA SER A 112 0.21 -6.38 -25.66
C SER A 112 -1.09 -6.62 -24.91
N LEU A 113 -1.11 -7.64 -24.04
CA LEU A 113 -2.36 -8.18 -23.52
C LEU A 113 -2.27 -8.46 -22.02
N ALA A 114 -3.36 -8.24 -21.31
CA ALA A 114 -3.36 -8.40 -19.86
C ALA A 114 -3.17 -9.85 -19.46
N GLU A 115 -2.30 -10.06 -18.47
CA GLU A 115 -2.10 -11.40 -17.94
C GLU A 115 -3.37 -11.95 -17.29
N GLY A 116 -3.44 -13.27 -17.25
CA GLY A 116 -4.52 -13.94 -16.55
C GLY A 116 -5.87 -13.80 -17.18
N GLN A 117 -5.93 -13.54 -18.48
CA GLN A 117 -7.18 -13.35 -19.17
C GLN A 117 -7.04 -13.99 -20.53
N GLN A 118 -8.19 -14.35 -21.10
CA GLN A 118 -8.28 -14.82 -22.47
C GLN A 118 -8.63 -13.66 -23.38
N HIS A 119 -7.97 -13.61 -24.54
CA HIS A 119 -8.09 -12.50 -25.44
C HIS A 119 -8.30 -13.01 -26.86
N VAL A 120 -9.27 -12.43 -27.55
CA VAL A 120 -9.37 -12.65 -29.00
C VAL A 120 -8.29 -11.82 -29.69
N LEU A 121 -7.55 -12.46 -30.61
CA LEU A 121 -6.46 -11.80 -31.32
C LEU A 121 -7.00 -11.18 -32.60
N THR A 122 -6.95 -9.86 -32.69
CA THR A 122 -7.49 -9.12 -33.81
C THR A 122 -6.37 -8.63 -34.71
N ASN A 123 -6.71 -8.35 -35.97
CA ASN A 123 -5.76 -7.77 -36.93
C ASN A 123 -4.55 -8.68 -37.13
N LEU A 124 -4.78 -9.98 -37.18
CA LEU A 124 -3.71 -10.88 -37.51
C LEU A 124 -3.23 -10.63 -38.94
N PRO A 125 -1.98 -10.95 -39.26
CA PRO A 125 -1.44 -10.65 -40.60
C PRO A 125 -2.21 -11.41 -41.67
N GLU A 126 -2.19 -10.85 -42.87
CA GLU A 126 -2.94 -11.48 -43.96
C GLU A 126 -2.44 -12.90 -44.19
N GLY A 127 -3.38 -13.84 -44.25
CA GLY A 127 -3.06 -15.23 -44.50
C GLY A 127 -2.77 -16.03 -43.25
N PHE A 128 -2.81 -15.40 -42.08
CA PHE A 128 -2.56 -16.14 -40.87
C PHE A 128 -3.46 -17.36 -40.77
N GLY A 129 -2.91 -18.46 -40.29
CA GLY A 129 -3.70 -19.60 -39.85
C GLY A 129 -2.79 -20.69 -39.36
N PHE A 130 -3.42 -21.78 -38.91
CA PHE A 130 -2.74 -22.96 -38.42
C PHE A 130 -2.62 -24.01 -39.52
N PRO A 131 -1.62 -24.88 -39.46
CA PRO A 131 -1.60 -26.03 -40.37
C PRO A 131 -2.87 -26.88 -40.21
N ASP A 132 -3.25 -27.56 -41.28
CA ASP A 132 -4.51 -28.30 -41.27
C ASP A 132 -4.55 -29.30 -40.13
N GLY A 133 -5.67 -29.31 -39.42
CA GLY A 133 -5.89 -30.16 -38.26
C GLY A 133 -5.49 -29.52 -36.95
N THR A 134 -4.56 -28.56 -36.97
CA THR A 134 -4.14 -27.93 -35.73
C THR A 134 -5.20 -26.94 -35.26
N THR A 135 -5.55 -27.01 -33.99
CA THR A 135 -6.50 -26.10 -33.39
C THR A 135 -5.96 -25.32 -32.21
N GLU A 136 -4.75 -25.63 -31.77
CA GLU A 136 -4.14 -24.98 -30.62
C GLU A 136 -2.65 -25.01 -30.84
N VAL A 137 -1.97 -23.93 -30.49
CA VAL A 137 -0.52 -23.94 -30.40
C VAL A 137 -0.11 -23.44 -29.02
N VAL A 138 0.91 -24.06 -28.46
CA VAL A 138 1.38 -23.74 -27.12
C VAL A 138 2.50 -22.72 -27.26
N THR A 139 2.43 -21.67 -26.46
CA THR A 139 3.41 -20.60 -26.55
C THR A 139 4.63 -20.92 -25.69
N ASN A 140 5.67 -20.09 -25.82
CA ASN A 140 6.91 -20.31 -25.09
CA ASN A 140 6.91 -20.30 -25.09
C ASN A 140 6.68 -20.36 -23.59
N PHE A 141 5.70 -19.62 -23.10
CA PHE A 141 5.43 -19.53 -21.67
C PHE A 141 4.37 -20.52 -21.22
N GLY A 142 3.94 -21.42 -22.11
CA GLY A 142 2.92 -22.39 -21.77
C GLY A 142 1.50 -21.90 -21.89
N GLY A 143 1.30 -20.71 -22.46
CA GLY A 143 -0.02 -20.28 -22.85
C GLY A 143 -0.44 -20.97 -24.13
N THR A 144 -1.64 -20.66 -24.57
CA THR A 144 -2.22 -21.29 -25.74
C THR A 144 -2.84 -20.23 -26.62
N ILE A 145 -2.75 -20.47 -27.93
CA ILE A 145 -3.56 -19.79 -28.93
C ILE A 145 -4.46 -20.84 -29.56
N THR A 146 -5.76 -20.68 -29.35
CA THR A 146 -6.75 -21.69 -29.72
C THR A 146 -7.63 -21.15 -30.82
N LEU A 147 -7.84 -21.96 -31.86
CA LEU A 147 -8.77 -21.62 -32.93
C LEU A 147 -10.15 -22.14 -32.55
N GLY A 148 -11.09 -21.22 -32.38
CA GLY A 148 -12.42 -21.58 -31.95
C GLY A 148 -13.32 -21.97 -33.13
N ASP A 149 -14.47 -22.53 -32.77
CA ASP A 149 -15.43 -22.88 -33.81
C ASP A 149 -16.07 -21.65 -34.43
N ASP A 150 -15.87 -20.47 -33.87
CA ASP A 150 -16.29 -19.23 -34.51
C ASP A 150 -15.20 -18.63 -35.40
N GLY A 151 -14.10 -19.34 -35.60
CA GLY A 151 -13.06 -18.88 -36.48
C GLY A 151 -12.10 -17.89 -35.87
N GLU A 152 -12.31 -17.51 -34.61
N GLU A 152 -12.28 -17.53 -34.61
CA GLU A 152 -11.44 -16.56 -33.92
CA GLU A 152 -11.42 -16.55 -33.96
C GLU A 152 -10.30 -17.28 -33.20
C GLU A 152 -10.33 -17.26 -33.17
N TYR A 153 -9.17 -16.59 -33.08
CA TYR A 153 -8.02 -17.09 -32.35
C TYR A 153 -7.98 -16.42 -30.97
N ARG A 154 -7.87 -17.22 -29.93
CA ARG A 154 -7.87 -16.73 -28.56
C ARG A 154 -6.60 -17.14 -27.86
N TYR A 155 -5.99 -16.17 -27.18
CA TYR A 155 -4.77 -16.36 -26.41
C TYR A 155 -5.13 -16.38 -24.94
N ASP A 156 -4.75 -17.45 -24.25
N ASP A 156 -4.71 -17.43 -24.25
CA ASP A 156 -4.89 -17.54 -22.81
CA ASP A 156 -4.90 -17.53 -22.80
C ASP A 156 -3.57 -17.06 -22.22
C ASP A 156 -3.57 -17.08 -22.17
N ALA A 157 -3.56 -15.85 -21.66
CA ALA A 157 -2.31 -15.21 -21.25
C ALA A 157 -1.90 -15.68 -19.85
N PRO A 158 -0.74 -16.29 -19.69
CA PRO A 158 -0.33 -16.76 -18.35
C PRO A 158 -0.09 -15.58 -17.43
N VAL A 159 -0.28 -15.83 -16.12
CA VAL A 159 0.12 -14.87 -15.11
C VAL A 159 1.63 -14.89 -15.01
N ARG A 160 2.24 -13.68 -14.90
CA ARG A 160 3.68 -13.57 -14.80
C ARG A 160 4.07 -12.73 -13.57
N ASP A 161 5.24 -13.08 -13.04
CA ASP A 161 5.94 -12.23 -12.07
C ASP A 161 6.62 -11.11 -12.86
N HIS A 162 6.02 -9.94 -12.86
CA HIS A 162 6.55 -8.81 -13.60
C HIS A 162 7.64 -8.05 -12.88
N GLY A 163 8.06 -8.54 -11.73
CA GLY A 163 9.09 -7.89 -10.97
C GLY A 163 10.44 -8.56 -11.02
N ASP A 164 10.50 -9.74 -11.63
CA ASP A 164 11.72 -10.55 -11.58
C ASP A 164 12.61 -10.25 -12.80
N ALA A 165 13.63 -11.05 -12.98
CA ALA A 165 14.64 -10.81 -14.01
C ALA A 165 14.31 -11.51 -15.32
N VAL A 166 13.11 -12.05 -15.47
CA VAL A 166 12.75 -12.83 -16.65
C VAL A 166 11.73 -12.07 -17.49
N SER A 167 12.04 -11.88 -18.77
CA SER A 167 11.14 -11.21 -19.67
C SER A 167 9.76 -11.87 -19.66
N ASP A 168 8.75 -11.04 -19.82
CA ASP A 168 7.37 -11.50 -19.86
C ASP A 168 6.76 -11.31 -21.24
N LYS A 169 7.60 -11.23 -22.26
CA LYS A 169 7.13 -11.21 -23.66
C LYS A 169 7.09 -12.63 -24.21
N ASP A 170 5.87 -13.18 -24.32
CA ASP A 170 5.62 -14.53 -24.82
C ASP A 170 5.73 -14.53 -26.34
N SER A 171 5.88 -15.73 -26.89
N SER A 171 5.88 -15.72 -26.89
CA SER A 171 6.01 -15.86 -28.32
CA SER A 171 5.99 -15.85 -28.33
C SER A 171 5.63 -17.26 -28.75
C SER A 171 5.65 -17.26 -28.76
N VAL A 172 5.25 -17.38 -30.02
CA VAL A 172 5.05 -18.69 -30.63
C VAL A 172 5.18 -18.49 -32.13
N THR A 173 5.74 -19.49 -32.81
CA THR A 173 5.88 -19.47 -34.26
C THR A 173 5.08 -20.63 -34.83
N VAL A 174 4.21 -20.30 -35.79
CA VAL A 174 3.42 -21.25 -36.54
C VAL A 174 4.10 -21.43 -37.89
N THR A 175 4.33 -22.68 -38.28
CA THR A 175 4.95 -23.01 -39.56
C THR A 175 3.93 -23.74 -40.42
N LEU A 176 3.79 -23.26 -41.66
CA LEU A 176 2.87 -23.84 -42.60
C LEU A 176 3.64 -24.64 -43.66
N GLU A 177 2.91 -25.53 -44.31
CA GLU A 177 3.53 -26.49 -45.22
C GLU A 177 4.09 -25.86 -46.47
N ASP A 178 3.67 -24.63 -46.80
CA ASP A 178 4.22 -23.93 -47.96
C ASP A 178 5.45 -23.10 -47.62
N GLY A 179 5.92 -23.14 -46.38
CA GLY A 179 7.12 -22.45 -45.97
C GLY A 179 6.86 -21.20 -45.17
N ARG A 180 5.63 -20.69 -45.19
CA ARG A 180 5.33 -19.49 -44.43
C ARG A 180 5.46 -19.76 -42.94
N THR A 181 5.87 -18.75 -42.23
CA THR A 181 5.86 -18.80 -40.77
C THR A 181 5.20 -17.53 -40.24
N PHE A 182 4.53 -17.66 -39.11
CA PHE A 182 3.87 -16.55 -38.46
C PHE A 182 4.34 -16.55 -37.01
N THR A 183 5.01 -15.50 -36.60
CA THR A 183 5.51 -15.36 -35.24
C THR A 183 4.61 -14.37 -34.52
N VAL A 184 3.97 -14.84 -33.46
CA VAL A 184 3.07 -14.04 -32.65
C VAL A 184 3.82 -13.70 -31.38
N ASN A 185 4.06 -12.41 -31.19
CA ASN A 185 4.75 -11.87 -30.02
C ASN A 185 3.70 -11.25 -29.12
N LEU A 186 3.66 -11.70 -27.86
CA LEU A 186 2.58 -11.39 -26.94
C LEU A 186 3.20 -10.78 -25.67
N ASP A 187 3.24 -9.46 -25.61
CA ASP A 187 3.81 -8.76 -24.46
C ASP A 187 2.76 -8.83 -23.38
N ILE A 188 3.00 -9.66 -22.35
CA ILE A 188 2.02 -9.86 -21.29
C ILE A 188 2.09 -8.70 -20.30
N GLN A 189 0.98 -8.02 -20.11
CA GLN A 189 0.90 -6.84 -19.28
C GLN A 189 0.56 -7.23 -17.86
N ASP A 190 1.16 -6.51 -16.92
CA ASP A 190 0.90 -6.79 -15.52
C ASP A 190 -0.51 -6.35 -15.11
N SER A 191 -1.10 -7.11 -14.17
CA SER A 191 -2.37 -6.75 -13.55
C SER A 191 -2.10 -6.26 -12.14
N ALA A 192 -3.12 -5.70 -11.50
CA ALA A 192 -2.97 -5.08 -10.19
C ALA A 192 -4.23 -5.30 -9.40
N PRO A 193 -4.16 -5.28 -8.08
CA PRO A 193 -5.35 -5.31 -7.26
C PRO A 193 -6.09 -3.99 -7.34
N VAL A 194 -7.36 -3.99 -6.92
CA VAL A 194 -8.13 -2.77 -6.77
C VAL A 194 -8.69 -2.74 -5.35
N ALA A 195 -8.17 -1.83 -4.53
CA ALA A 195 -8.68 -1.66 -3.17
C ALA A 195 -9.95 -0.82 -3.21
N VAL A 196 -10.96 -1.25 -2.46
CA VAL A 196 -12.26 -0.61 -2.43
C VAL A 196 -12.47 -0.05 -1.02
N ASP A 197 -13.04 1.14 -0.95
CA ASP A 197 -13.25 1.80 0.32
C ASP A 197 -14.16 0.96 1.21
N ASP A 198 -13.90 1.06 2.52
CA ASP A 198 -14.57 0.28 3.55
C ASP A 198 -15.26 1.21 4.53
N GLN A 199 -16.43 0.80 5.00
CA GLN A 199 -17.16 1.54 6.02
C GLN A 199 -17.37 0.67 7.25
N ASP A 200 -17.17 1.25 8.42
CA ASP A 200 -17.49 0.58 9.68
C ASP A 200 -18.06 1.64 10.61
N SER A 201 -18.59 1.21 11.75
CA SER A 201 -19.17 2.16 12.67
C SER A 201 -19.00 1.66 14.11
N ILE A 202 -19.05 2.60 15.02
CA ILE A 202 -19.01 2.30 16.45
C ILE A 202 -19.77 3.40 17.18
N VAL A 203 -20.48 3.01 18.25
CA VAL A 203 -21.27 3.94 19.04
C VAL A 203 -20.76 3.86 20.48
N VAL A 204 -20.37 5.00 21.02
CA VAL A 204 -19.86 5.12 22.39
C VAL A 204 -21.01 5.51 23.28
N GLN A 205 -21.24 4.75 24.34
CA GLN A 205 -22.40 4.98 25.17
C GLN A 205 -22.18 6.23 26.04
N HIS A 206 -23.30 6.90 26.33
CA HIS A 206 -23.34 8.06 27.20
C HIS A 206 -24.14 7.69 28.44
N GLU A 207 -23.69 8.20 29.59
CA GLU A 207 -24.42 8.03 30.84
C GLU A 207 -24.02 9.15 31.78
N GLU A 208 -24.97 9.63 32.57
CA GLU A 208 -24.73 10.63 33.60
C GLU A 208 -24.97 9.95 34.95
N PHE A 209 -23.93 9.95 35.80
CA PHE A 209 -24.03 9.47 37.18
C PHE A 209 -24.14 10.69 38.10
N GLU A 210 -25.02 10.61 39.09
CA GLU A 210 -25.10 11.61 40.15
C GLU A 210 -24.12 11.18 41.26
N VAL A 211 -23.21 12.06 41.62
CA VAL A 211 -22.20 11.72 42.62
C VAL A 211 -22.21 12.74 43.75
N SER A 212 -21.76 12.29 44.91
CA SER A 212 -21.63 13.16 46.07
C SER A 212 -20.36 14.00 45.94
N GLU A 213 -20.10 14.82 46.96
CA GLU A 213 -18.82 15.48 47.05
C GLU A 213 -17.74 14.44 47.23
N ILE A 214 -16.52 14.81 46.83
CA ILE A 214 -15.37 13.93 46.95
C ILE A 214 -14.65 14.24 48.26
N ALA A 215 -14.08 13.21 48.87
CA ALA A 215 -13.24 13.37 50.05
C ALA A 215 -11.97 12.58 49.82
N ALA A 216 -10.85 13.29 49.67
CA ALA A 216 -9.57 12.67 49.36
C ALA A 216 -8.71 12.67 50.63
N SER A 217 -8.16 11.51 50.95
CA SER A 217 -7.38 11.35 52.17
C SER A 217 -6.09 10.62 51.87
N TRP A 218 -4.96 11.20 52.31
CA TRP A 218 -3.72 10.43 52.39
C TRP A 218 -3.85 9.44 53.53
N VAL A 219 -3.78 8.17 53.19
CA VAL A 219 -4.09 7.12 54.16
C VAL A 219 -2.89 6.29 54.56
N SER A 220 -1.80 6.37 53.82
CA SER A 220 -0.62 5.59 54.15
C SER A 220 0.55 6.08 53.30
N TYR A 221 1.75 5.67 53.71
CA TYR A 221 2.98 6.06 53.05
C TYR A 221 4.07 5.12 53.52
N THR A 222 5.17 5.13 52.79
CA THR A 222 6.30 4.28 53.10
C THR A 222 7.56 5.14 53.04
N HIS A 223 8.37 5.06 54.12
CA HIS A 223 9.58 5.84 54.35
C HIS A 223 9.29 7.31 54.60
N GLY A 224 10.35 8.08 54.84
CA GLY A 224 10.17 9.49 55.11
C GLY A 224 10.37 9.82 56.59
N GLU A 225 10.80 11.05 56.84
CA GLU A 225 10.96 11.59 58.17
C GLU A 225 10.00 12.74 58.36
N SER A 226 9.52 12.91 59.58
CA SER A 226 8.63 14.01 59.94
C SER A 226 7.43 14.07 58.99
N VAL A 227 6.82 12.92 58.74
CA VAL A 227 5.73 12.82 57.77
C VAL A 227 4.43 13.16 58.48
N THR A 228 3.70 14.12 57.95
CA THR A 228 2.38 14.41 58.47
C THR A 228 1.34 14.50 57.36
N THR A 229 0.11 14.15 57.71
CA THR A 229 -1.05 14.31 56.83
C THR A 229 -2.04 15.23 57.53
N PHE A 230 -2.70 16.08 56.75
CA PHE A 230 -3.58 17.06 57.34
C PHE A 230 -4.50 17.66 56.30
N ASP A 231 -5.63 18.18 56.78
CA ASP A 231 -6.53 18.96 55.93
C ASP A 231 -5.88 20.29 55.59
N GLY A 232 -5.98 20.68 54.31
CA GLY A 232 -5.21 21.80 53.82
C GLY A 232 -5.56 23.10 54.51
N THR A 233 -4.57 23.98 54.60
CA THR A 233 -4.74 25.31 55.16
C THR A 233 -4.35 26.36 54.13
N SER A 234 -4.74 27.61 54.43
CA SER A 234 -4.38 28.71 53.53
C SER A 234 -2.88 28.72 53.27
N ASP A 235 -2.07 28.40 54.28
CA ASP A 235 -0.63 28.42 54.13
C ASP A 235 -0.07 27.14 53.51
N LEU A 236 -0.68 25.99 53.78
CA LEU A 236 -0.18 24.71 53.31
C LEU A 236 -1.29 24.01 52.52
N GLY A 237 -1.29 24.25 51.22
CA GLY A 237 -2.08 23.47 50.26
C GLY A 237 -3.29 24.18 49.73
N GLY A 238 -3.79 25.18 50.44
CA GLY A 238 -5.06 25.77 50.12
C GLY A 238 -6.19 25.01 50.79
N VAL A 239 -7.35 25.66 50.86
CA VAL A 239 -8.45 25.13 51.67
C VAL A 239 -9.43 24.39 50.77
N ASP A 240 -10.11 23.40 51.35
CA ASP A 240 -11.15 22.65 50.67
C ASP A 240 -12.32 22.46 51.64
N ASN A 241 -13.40 21.88 51.12
CA ASN A 241 -14.69 21.91 51.80
C ASN A 241 -14.92 20.75 52.76
N ASP A 242 -13.88 19.98 53.09
CA ASP A 242 -14.06 18.82 53.96
C ASP A 242 -12.90 18.75 54.95
N SER A 243 -13.05 17.87 55.93
CA SER A 243 -12.02 17.66 56.92
C SER A 243 -11.06 16.53 56.56
N ALA A 244 -11.27 15.88 55.41
CA ALA A 244 -10.35 14.82 55.00
C ALA A 244 -8.97 15.40 54.82
N LYS A 245 -7.95 14.57 54.97
CA LYS A 245 -6.57 15.04 55.01
C LYS A 245 -6.00 15.02 53.59
N ASP A 246 -6.13 16.14 52.89
CA ASP A 246 -5.71 16.26 51.49
C ASP A 246 -4.24 16.60 51.31
N GLN A 247 -3.52 16.85 52.39
CA GLN A 247 -2.11 17.23 52.32
C GLN A 247 -1.21 16.23 53.03
N ILE A 248 -0.02 16.04 52.47
CA ILE A 248 1.01 15.20 53.07
C ILE A 248 2.33 15.94 52.89
N ARG A 249 3.15 15.91 53.93
CA ARG A 249 4.45 16.58 53.89
C ARG A 249 5.50 15.70 54.55
N TRP A 250 6.74 15.88 54.10
CA TRP A 250 7.84 15.06 54.59
C TRP A 250 9.16 15.80 54.45
N GLY A 251 10.14 15.27 55.16
CA GLY A 251 11.51 15.69 55.06
C GLY A 251 11.92 16.61 56.19
N ASN A 252 13.22 16.60 56.49
CA ASN A 252 13.83 17.62 57.31
C ASN A 252 14.23 18.76 56.39
N PRO A 253 13.63 19.95 56.50
CA PRO A 253 13.91 21.00 55.51
C PRO A 253 15.37 21.39 55.52
N ALA A 254 15.96 21.45 54.33
CA ALA A 254 17.35 21.87 54.18
C ALA A 254 17.47 23.33 53.77
N GLU A 255 16.35 24.03 53.60
CA GLU A 255 16.41 25.43 53.15
C GLU A 255 15.23 26.22 53.73
N SER A 256 14.01 25.68 53.61
CA SER A 256 12.85 26.39 54.11
C SER A 256 11.78 25.41 54.58
N LYS A 257 11.02 24.83 53.68
CA LYS A 257 9.84 24.05 54.04
C LYS A 257 9.99 22.57 53.69
N GLN A 258 8.95 21.80 54.00
CA GLN A 258 8.93 20.38 53.68
C GLN A 258 8.39 20.15 52.27
N SER A 259 8.88 19.08 51.63
CA SER A 259 8.31 18.62 50.38
C SER A 259 6.98 17.92 50.67
N GLY A 260 6.16 17.76 49.65
CA GLY A 260 4.99 16.94 49.81
C GLY A 260 4.04 17.08 48.64
N TYR A 261 2.81 16.60 48.90
CA TYR A 261 1.74 16.62 47.91
C TYR A 261 0.51 17.26 48.53
N GLY A 262 -0.29 17.89 47.69
CA GLY A 262 -1.62 18.32 48.08
C GLY A 262 -2.61 17.98 47.00
N PHE A 263 -3.85 17.73 47.42
CA PHE A 263 -4.89 17.40 46.45
C PHE A 263 -6.16 18.16 46.76
N ILE A 264 -6.55 19.07 45.87
CA ILE A 264 -7.73 19.92 46.08
C ILE A 264 -8.82 19.41 45.14
N ASP A 265 -9.87 18.85 45.72
CA ASP A 265 -10.88 18.18 44.91
C ASP A 265 -11.56 19.19 43.98
N ASN A 266 -12.27 18.62 42.98
N ASN A 266 -12.22 18.67 42.94
CA ASN A 266 -12.97 19.37 41.94
CA ASN A 266 -12.96 19.51 42.02
C ASN A 266 -14.46 19.45 42.22
C ASN A 266 -14.46 19.37 42.22
N ASP A 267 -14.87 19.37 43.50
CA ASP A 267 -16.29 19.30 43.85
C ASP A 267 -17.09 20.42 43.19
N SER A 268 -16.61 21.65 43.26
CA SER A 268 -17.39 22.78 42.75
C SER A 268 -17.66 22.64 41.26
N ASN A 269 -16.62 22.34 40.47
CA ASN A 269 -16.79 22.24 39.01
C ASN A 269 -17.59 21.00 38.62
N LEU A 270 -17.41 19.89 39.33
CA LEU A 270 -18.07 18.66 38.93
C LEU A 270 -19.58 18.75 39.05
N GLU A 271 -20.09 19.51 40.02
CA GLU A 271 -21.54 19.65 40.23
C GLU A 271 -22.19 18.28 40.42
N GLY A 272 -21.58 17.46 41.25
CA GLY A 272 -22.17 16.18 41.64
C GLY A 272 -22.52 15.26 40.49
N ARG A 273 -21.70 15.24 39.44
CA ARG A 273 -21.97 14.37 38.31
C ARG A 273 -20.69 13.85 37.69
N PHE A 274 -20.68 12.56 37.34
CA PHE A 274 -19.68 11.97 36.47
C PHE A 274 -20.36 11.54 35.17
N ASP A 275 -19.58 11.43 34.12
CA ASP A 275 -20.09 10.93 32.85
C ASP A 275 -19.29 9.71 32.43
N LEU A 276 -19.93 8.84 31.67
CA LEU A 276 -19.29 7.65 31.17
C LEU A 276 -18.41 8.01 29.99
N ASN A 277 -17.32 7.25 29.84
CA ASN A 277 -16.46 7.35 28.67
C ASN A 277 -15.95 8.78 28.46
N GLN A 278 -15.54 9.41 29.56
CA GLN A 278 -15.26 10.85 29.56
C GLN A 278 -14.14 11.12 30.56
N ASP A 279 -13.04 11.68 30.10
CA ASP A 279 -11.98 12.09 31.03
C ASP A 279 -12.56 13.13 31.96
N ILE A 280 -12.40 12.90 33.26
CA ILE A 280 -12.93 13.75 34.33
C ILE A 280 -11.77 14.09 35.26
N SER A 281 -11.66 15.35 35.62
CA SER A 281 -10.69 15.74 36.65
C SER A 281 -11.38 15.64 38.00
N VAL A 282 -10.85 14.78 38.87
CA VAL A 282 -11.36 14.71 40.22
C VAL A 282 -10.68 15.73 41.16
N GLY A 283 -9.60 16.35 40.74
CA GLY A 283 -8.98 17.35 41.58
C GLY A 283 -7.64 17.78 41.03
N THR A 284 -7.06 18.73 41.74
CA THR A 284 -5.78 19.29 41.38
C THR A 284 -4.71 18.75 42.32
N PHE A 285 -3.77 18.02 41.77
CA PHE A 285 -2.64 17.46 42.50
C PHE A 285 -1.46 18.43 42.38
N THR A 286 -0.92 18.86 43.50
CA THR A 286 0.23 19.76 43.50
C THR A 286 1.37 19.04 44.18
N HIS A 287 2.51 19.01 43.50
CA HIS A 287 3.75 18.49 44.05
C HIS A 287 4.60 19.68 44.49
N TYR A 288 4.81 19.80 45.80
CA TYR A 288 5.66 20.80 46.39
C TYR A 288 7.04 20.19 46.55
N ASN A 289 8.01 20.68 45.76
CA ASN A 289 9.36 20.13 45.82
C ASN A 289 10.26 21.16 46.50
N TYR A 290 10.63 20.86 47.76
CA TYR A 290 11.66 21.59 48.46
C TYR A 290 12.91 20.75 48.61
N PRO A 291 14.05 21.40 48.88
CA PRO A 291 15.27 20.66 49.29
C PRO A 291 15.12 20.14 50.71
N VAL A 292 15.25 18.83 50.86
CA VAL A 292 15.21 18.20 52.18
C VAL A 292 16.47 17.38 52.33
N TYR A 293 16.96 17.23 53.54
CA TYR A 293 18.15 16.39 53.69
C TYR A 293 17.91 15.00 53.11
N SER A 294 18.88 14.51 52.36
CA SER A 294 18.72 13.26 51.64
C SER A 294 18.42 12.14 52.62
N GLY A 295 17.56 11.21 52.20
CA GLY A 295 17.15 10.10 53.04
C GLY A 295 15.83 10.28 53.74
N GLY A 296 15.30 11.48 53.81
CA GLY A 296 14.12 11.80 54.58
C GLY A 296 12.80 11.86 53.82
N ALA A 297 12.77 11.47 52.56
CA ALA A 297 11.53 11.55 51.79
C ALA A 297 10.81 10.21 51.73
N ILE A 298 9.50 10.28 51.49
CA ILE A 298 8.75 9.06 51.19
C ILE A 298 9.24 8.44 49.88
N THR A 299 8.91 7.17 49.68
CA THR A 299 9.03 6.52 48.38
C THR A 299 7.68 6.18 47.77
N SER A 300 6.61 6.22 48.57
CA SER A 300 5.29 6.06 48.01
C SER A 300 4.28 6.51 49.05
N ALA A 301 3.12 6.91 48.55
CA ALA A 301 2.02 7.33 49.39
C ALA A 301 0.71 7.02 48.69
N GLU A 302 -0.31 6.75 49.46
CA GLU A 302 -1.58 6.31 48.93
C GLU A 302 -2.69 7.25 49.37
N MET A 303 -3.55 7.62 48.45
CA MET A 303 -4.64 8.55 48.69
C MET A 303 -5.96 7.85 48.37
N SER A 304 -6.90 7.94 49.29
N SER A 304 -6.89 7.93 49.30
CA SER A 304 -8.23 7.39 49.06
CA SER A 304 -8.24 7.41 49.08
C SER A 304 -9.12 8.52 48.56
C SER A 304 -9.11 8.53 48.55
N VAL A 305 -9.74 8.30 47.41
CA VAL A 305 -10.68 9.25 46.82
C VAL A 305 -12.06 8.66 46.99
N GLU A 306 -12.83 9.19 47.93
CA GLU A 306 -14.11 8.62 48.29
C GLU A 306 -15.24 9.53 47.83
N PHE A 307 -16.29 8.90 47.27
CA PHE A 307 -17.48 9.63 46.87
C PHE A 307 -18.63 8.62 46.86
N SER A 308 -19.86 9.12 46.86
CA SER A 308 -21.03 8.27 46.77
C SER A 308 -21.66 8.37 45.39
N VAL A 309 -22.21 7.25 44.91
CA VAL A 309 -22.98 7.25 43.67
C VAL A 309 -24.44 7.02 44.02
N LEU A 310 -25.30 7.89 43.49
CA LEU A 310 -26.74 7.82 43.72
C LEU A 310 -27.38 6.78 42.81
N ASP A 311 -28.32 6.02 43.38
CA ASP A 311 -28.91 4.88 42.69
C ASP A 311 -30.32 5.23 42.21
N VAL A 315 -30.79 5.67 47.47
CA VAL A 315 -29.75 4.72 47.82
C VAL A 315 -28.41 5.23 47.30
N SER A 316 -27.47 5.43 48.21
CA SER A 316 -26.09 5.77 47.87
C SER A 316 -25.23 4.53 48.04
N THR A 317 -24.31 4.33 47.09
CA THR A 317 -23.26 3.35 47.29
C THR A 317 -21.94 4.10 47.36
N PRO A 318 -21.33 4.19 48.54
CA PRO A 318 -19.96 4.72 48.62
C PRO A 318 -19.01 3.94 47.73
N VAL A 319 -18.06 4.67 47.15
CA VAL A 319 -17.01 4.13 46.30
C VAL A 319 -15.71 4.77 46.78
N THR A 320 -14.65 3.96 46.82
CA THR A 320 -13.31 4.44 47.17
C THR A 320 -12.36 4.02 46.06
N LEU A 321 -11.73 5.00 45.44
CA LEU A 321 -10.66 4.75 44.48
C LEU A 321 -9.34 4.97 45.21
N THR A 322 -8.50 3.95 45.25
CA THR A 322 -7.20 4.03 45.89
C THR A 322 -6.14 4.44 44.87
N VAL A 323 -5.51 5.59 45.10
CA VAL A 323 -4.53 6.15 44.17
C VAL A 323 -3.16 6.03 44.82
N ASN A 324 -2.25 5.35 44.15
CA ASN A 324 -0.90 5.12 44.64
CA ASN A 324 -0.90 5.10 44.64
C ASN A 324 0.09 5.95 43.85
N PHE A 325 0.96 6.64 44.57
CA PHE A 325 1.96 7.52 44.00
C PHE A 325 3.32 7.01 44.41
N ASP A 326 4.17 6.76 43.44
CA ASP A 326 5.58 6.48 43.67
C ASP A 326 6.32 7.80 43.62
N HIS A 327 7.19 8.01 44.59
CA HIS A 327 7.85 9.27 44.77
C HIS A 327 9.35 9.08 44.70
N ASN A 328 10.03 9.93 43.94
CA ASN A 328 11.48 9.90 43.81
C ASN A 328 11.97 11.29 44.14
N GLU A 329 12.34 11.50 45.40
CA GLU A 329 13.03 12.72 45.82
C GLU A 329 14.49 12.50 45.42
N THR A 330 14.89 13.10 44.29
CA THR A 330 16.18 12.74 43.70
C THR A 330 17.32 13.48 44.40
N PRO A 331 18.46 12.84 44.62
CA PRO A 331 19.62 13.57 45.13
C PRO A 331 19.89 14.78 44.25
N ASN A 332 20.17 15.90 44.90
CA ASN A 332 20.31 17.18 44.21
C ASN A 332 21.75 17.42 43.81
N THR A 333 21.95 17.79 42.55
CA THR A 333 23.28 18.15 42.06
C THR A 333 23.21 19.56 41.49
N ASN A 334 24.20 19.94 40.67
CA ASN A 334 24.13 21.22 40.00
C ASN A 334 23.38 21.14 38.67
N ASP A 335 23.03 19.94 38.21
CA ASP A 335 22.13 19.80 37.08
C ASP A 335 20.70 20.00 37.56
N VAL A 336 20.05 21.05 37.07
CA VAL A 336 18.70 21.35 37.55
C VAL A 336 17.71 20.28 37.09
N ASN A 337 17.86 19.77 35.87
CA ASN A 337 16.93 18.77 35.40
C ASN A 337 17.11 17.44 36.12
N ALA A 338 18.36 17.01 36.31
CA ALA A 338 18.61 15.76 36.98
C ALA A 338 18.18 15.80 38.46
N SER A 339 18.08 16.99 39.02
CA SER A 339 17.70 17.18 40.42
C SER A 339 16.20 17.27 40.61
N ARG A 340 15.42 17.33 39.54
CA ARG A 340 13.98 17.33 39.66
C ARG A 340 13.51 16.09 40.42
N ASP A 341 12.46 16.26 41.17
CA ASP A 341 11.81 15.15 41.82
C ASP A 341 10.65 14.65 40.97
N ILE A 342 10.40 13.34 41.04
CA ILE A 342 9.56 12.66 40.07
C ILE A 342 8.43 11.94 40.79
N VAL A 343 7.21 12.15 40.32
CA VAL A 343 6.02 11.51 40.87
C VAL A 343 5.41 10.64 39.80
N THR A 344 5.16 9.38 40.10
CA THR A 344 4.53 8.45 39.18
C THR A 344 3.24 7.92 39.78
N VAL A 345 2.11 8.15 39.12
CA VAL A 345 0.83 7.65 39.57
C VAL A 345 0.57 6.29 38.94
N GLN A 346 0.04 5.38 39.74
CA GLN A 346 -0.21 4.02 39.30
C GLN A 346 -1.58 3.93 38.65
N ASN A 347 -1.70 2.99 37.70
CA ASN A 347 -2.97 2.81 36.99
C ASN A 347 -3.87 1.84 37.75
N THR A 348 -4.53 2.36 38.78
CA THR A 348 -5.49 1.61 39.58
C THR A 348 -6.92 1.92 39.15
N HIS A 349 -7.83 1.10 39.63
CA HIS A 349 -9.25 1.32 39.38
C HIS A 349 -10.07 0.83 40.55
N VAL A 350 -11.35 1.18 40.53
CA VAL A 350 -12.33 0.60 41.43
C VAL A 350 -13.61 0.33 40.65
N THR A 351 -14.25 -0.79 40.96
CA THR A 351 -15.51 -1.20 40.33
C THR A 351 -16.65 -1.00 41.32
N PHE A 352 -17.77 -0.51 40.82
CA PHE A 352 -18.95 -0.33 41.66
C PHE A 352 -20.18 -0.78 40.87
N GLU A 353 -21.31 -0.84 41.56
N GLU A 353 -21.32 -0.78 41.56
CA GLU A 353 -22.56 -1.26 40.96
CA GLU A 353 -22.57 -1.26 41.01
C GLU A 353 -23.62 -0.20 41.17
C GLU A 353 -23.62 -0.17 41.19
N ARG A 354 -24.35 0.13 40.11
CA ARG A 354 -25.53 0.98 40.17
C ARG A 354 -26.65 0.23 39.47
N ASP A 355 -27.70 -0.13 40.22
CA ASP A 355 -28.85 -0.84 39.66
C ASP A 355 -28.42 -2.12 38.96
N GLY A 356 -27.63 -2.93 39.66
CA GLY A 356 -27.15 -4.19 39.14
C GLY A 356 -26.31 -4.08 37.88
N ASP A 357 -26.06 -2.85 37.43
CA ASP A 357 -25.21 -2.57 36.29
C ASP A 357 -23.85 -2.08 36.80
N ILE A 358 -22.77 -2.75 36.39
CA ILE A 358 -21.45 -2.53 36.99
C ILE A 358 -20.65 -1.55 36.13
N TYR A 359 -19.79 -0.79 36.81
CA TYR A 359 -18.98 0.21 36.14
C TYR A 359 -17.62 0.31 36.84
N THR A 360 -16.67 0.93 36.16
CA THR A 360 -15.31 1.02 36.67
C THR A 360 -14.74 2.41 36.50
N VAL A 361 -14.25 2.97 37.60
CA VAL A 361 -13.47 4.21 37.61
C VAL A 361 -12.00 3.86 37.53
N GLN A 362 -11.31 4.39 36.54
CA GLN A 362 -9.91 4.07 36.24
C GLN A 362 -9.11 5.35 36.26
N ILE A 363 -7.94 5.31 36.91
CA ILE A 363 -6.99 6.42 36.81
C ILE A 363 -6.47 6.50 35.38
N VAL A 364 -6.50 7.70 34.80
CA VAL A 364 -5.87 7.99 33.52
C VAL A 364 -4.50 8.60 33.73
N GLY A 365 -4.42 9.63 34.58
CA GLY A 365 -3.11 10.21 34.88
C GLY A 365 -3.20 11.69 35.13
N PHE A 366 -2.07 12.37 34.93
CA PHE A 366 -1.92 13.80 35.17
C PHE A 366 -2.11 14.60 33.89
N ARG A 367 -2.87 15.69 33.96
CA ARG A 367 -3.06 16.59 32.83
C ARG A 367 -2.77 18.02 33.23
N GLU A 368 -2.06 18.76 32.38
CA GLU A 368 -1.74 20.14 32.75
C GLU A 368 -3.01 20.96 33.02
N VAL A 369 -2.96 21.74 34.11
CA VAL A 369 -4.11 22.53 34.51
C VAL A 369 -4.51 23.49 33.40
N GLY A 370 -5.82 23.64 33.20
CA GLY A 370 -6.33 24.51 32.16
C GLY A 370 -6.25 23.97 30.75
N ASN A 371 -5.57 22.84 30.54
N ASN A 371 -5.57 22.83 30.55
CA ASN A 371 -5.44 22.28 29.20
CA ASN A 371 -5.40 22.24 29.23
C ASN A 371 -6.22 20.98 29.10
C ASN A 371 -6.23 20.96 29.13
N PRO A 372 -7.56 21.06 29.04
CA PRO A 372 -8.36 19.82 28.96
C PRO A 372 -8.03 18.95 27.77
N ASP A 373 -7.47 19.52 26.70
CA ASP A 373 -7.04 18.76 25.54
C ASP A 373 -5.57 18.38 25.61
N GLY A 374 -4.89 18.69 26.69
CA GLY A 374 -3.49 18.36 26.81
C GLY A 374 -3.24 16.87 26.97
N GLU A 375 -1.97 16.50 26.79
CA GLU A 375 -1.57 15.11 26.95
C GLU A 375 -1.72 14.71 28.41
N VAL A 376 -2.08 13.45 28.64
CA VAL A 376 -2.12 12.88 29.99
C VAL A 376 -0.86 12.05 30.18
N VAL A 377 -0.17 12.25 31.30
CA VAL A 377 1.06 11.55 31.59
C VAL A 377 0.90 10.87 32.94
N THR A 378 1.74 9.87 33.20
CA THR A 378 1.71 9.19 34.50
C THR A 378 2.88 9.58 35.38
N SER A 379 3.90 10.24 34.86
CA SER A 379 5.00 10.75 35.65
C SER A 379 5.17 12.25 35.42
N ILE A 380 5.36 12.98 36.52
CA ILE A 380 5.60 14.42 36.48
C ILE A 380 6.92 14.72 37.17
N TYR A 381 7.50 15.84 36.78
CA TYR A 381 8.86 16.24 37.11
C TYR A 381 8.76 17.65 37.65
N THR A 382 9.33 17.90 38.84
CA THR A 382 9.25 19.20 39.47
C THR A 382 10.62 19.64 39.93
N ASN A 383 11.01 20.86 39.55
CA ASN A 383 12.27 21.40 40.01
C ASN A 383 12.31 21.54 41.52
N GLU A 384 13.51 21.43 42.08
CA GLU A 384 13.72 21.87 43.46
C GLU A 384 13.27 23.32 43.58
N ASN A 385 12.65 23.63 44.72
CA ASN A 385 12.17 24.97 45.00
C ASN A 385 11.08 25.40 44.02
N ALA A 386 10.21 24.46 43.71
CA ALA A 386 9.07 24.78 42.85
C ALA A 386 7.94 23.84 43.19
N ALA A 387 6.73 24.21 42.75
CA ALA A 387 5.56 23.35 42.86
C ALA A 387 4.94 23.23 41.48
N THR A 388 4.56 22.02 41.09
CA THR A 388 3.82 21.81 39.85
C THR A 388 2.42 21.31 40.20
N SER A 389 1.45 21.66 39.36
CA SER A 389 0.06 21.30 39.55
C SER A 389 -0.50 20.66 38.30
N TYR A 390 -1.29 19.59 38.51
CA TYR A 390 -1.85 18.82 37.41
C TYR A 390 -3.23 18.36 37.82
N GLU A 391 -4.16 18.31 36.90
CA GLU A 391 -5.44 17.66 37.16
C GLU A 391 -5.22 16.14 37.21
N LEU A 392 -5.83 15.50 38.22
CA LEU A 392 -5.84 14.03 38.31
C LEU A 392 -7.07 13.53 37.58
N VAL A 393 -6.86 12.89 36.42
CA VAL A 393 -7.90 12.55 35.48
C VAL A 393 -8.23 11.07 35.65
N VAL A 394 -9.52 10.79 35.73
CA VAL A 394 -10.07 9.45 35.74
C VAL A 394 -11.07 9.34 34.60
N ARG A 395 -11.50 8.09 34.34
CA ARG A 395 -12.52 7.82 33.35
C ARG A 395 -13.37 6.68 33.88
N VAL A 396 -14.69 6.83 33.75
CA VAL A 396 -15.64 5.80 34.16
C VAL A 396 -16.08 5.07 32.91
N VAL A 397 -15.94 3.74 32.91
CA VAL A 397 -16.26 2.92 31.75
C VAL A 397 -17.26 1.85 32.18
N GLU A 398 -17.97 1.31 31.21
CA GLU A 398 -18.93 0.27 31.51
C GLU A 398 -18.20 -1.02 31.84
N GLY A 399 -18.76 -1.79 32.78
CA GLY A 399 -18.23 -3.12 33.05
C GLY A 399 -16.95 -3.06 33.87
N ASP A 400 -16.04 -3.98 33.55
CA ASP A 400 -14.83 -4.19 34.31
C ASP A 400 -13.67 -3.33 33.84
N GLY A 401 -13.89 -2.43 32.89
CA GLY A 401 -12.85 -1.54 32.44
C GLY A 401 -11.69 -2.23 31.75
N TYR A 402 -11.89 -3.47 31.30
CA TYR A 402 -10.81 -4.22 30.67
C TYR A 402 -10.50 -3.74 29.25
N SER A 403 -11.45 -3.10 28.56
CA SER A 403 -11.21 -2.65 27.20
C SER A 403 -12.03 -1.40 26.90
N LEU A 404 -11.58 -0.66 25.89
CA LEU A 404 -12.27 0.52 25.38
C LEU A 404 -13.24 0.13 24.28
N PRO A 405 -14.19 1.00 23.95
CA PRO A 405 -15.14 0.70 22.86
C PRO A 405 -14.37 0.38 21.59
N SER A 406 -14.75 -0.72 20.95
CA SER A 406 -13.98 -1.22 19.80
C SER A 406 -14.88 -1.80 18.72
N THR A 407 -14.32 -1.88 17.51
CA THR A 407 -14.96 -2.60 16.43
C THR A 407 -13.88 -3.22 15.57
N GLU A 408 -14.20 -4.36 14.98
CA GLU A 408 -13.27 -5.13 14.18
C GLU A 408 -13.79 -5.20 12.76
N GLY A 409 -12.94 -5.71 11.88
CA GLY A 409 -13.35 -5.92 10.50
C GLY A 409 -12.18 -6.46 9.71
N ASN A 410 -12.41 -6.61 8.40
CA ASN A 410 -11.34 -6.93 7.47
C ASN A 410 -11.53 -6.12 6.20
N ILE A 411 -10.47 -5.41 5.78
CA ILE A 411 -10.62 -4.49 4.68
C ILE A 411 -10.75 -5.22 3.35
N PHE A 412 -10.54 -6.54 3.33
CA PHE A 412 -10.77 -7.30 2.09
C PHE A 412 -12.21 -7.72 1.92
N ASP A 413 -13.01 -7.64 2.99
CA ASP A 413 -14.42 -7.94 2.94
C ASP A 413 -15.19 -6.85 2.20
N ASP A 414 -16.41 -7.18 1.77
CA ASP A 414 -17.33 -6.17 1.30
C ASP A 414 -17.84 -5.38 2.50
N ASN A 415 -17.38 -4.15 2.64
CA ASN A 415 -17.74 -3.28 3.75
C ASN A 415 -18.57 -2.10 3.26
N GLY A 416 -19.50 -2.37 2.34
CA GLY A 416 -20.47 -1.40 1.89
C GLY A 416 -20.38 -1.07 0.42
N LEU A 417 -19.19 -1.23 -0.17
CA LEU A 417 -18.94 -0.83 -1.54
C LEU A 417 -18.32 -1.96 -2.36
N GLY A 418 -18.23 -3.15 -1.81
CA GLY A 418 -17.67 -4.28 -2.51
C GLY A 418 -16.32 -4.67 -1.92
N ALA A 419 -15.92 -5.90 -2.26
CA ALA A 419 -14.66 -6.47 -1.78
C ALA A 419 -13.51 -6.08 -2.68
N ASP A 420 -12.36 -5.77 -2.07
CA ASP A 420 -11.18 -5.47 -2.88
C ASP A 420 -10.98 -6.56 -3.94
N SER A 421 -10.62 -6.14 -5.16
CA SER A 421 -10.23 -7.07 -6.20
C SER A 421 -8.74 -7.36 -6.05
N LEU A 422 -8.37 -8.63 -6.14
CA LEU A 422 -7.00 -9.04 -5.86
C LEU A 422 -6.11 -9.10 -7.08
N GLY A 423 -6.67 -9.00 -8.29
CA GLY A 423 -5.88 -9.10 -9.50
C GLY A 423 -5.43 -10.53 -9.75
N ALA A 424 -4.78 -10.71 -10.89
CA ALA A 424 -4.40 -12.05 -11.30
C ALA A 424 -3.16 -12.57 -10.58
N ASP A 425 -2.28 -11.68 -10.11
CA ASP A 425 -1.08 -12.14 -9.42
C ASP A 425 -1.39 -12.70 -8.04
N GLY A 426 -2.41 -12.19 -7.38
CA GLY A 426 -2.66 -12.65 -5.99
C GLY A 426 -1.47 -12.34 -5.08
N SER A 427 -1.35 -13.14 -4.03
CA SER A 427 -0.44 -12.87 -2.91
C SER A 427 -0.58 -11.43 -2.44
N VAL A 428 -1.82 -11.03 -2.20
CA VAL A 428 -2.10 -9.64 -1.83
C VAL A 428 -2.06 -9.54 -0.32
N THR A 429 -1.33 -8.54 0.15
CA THR A 429 -1.28 -8.21 1.55
C THR A 429 -1.34 -6.70 1.72
N VAL A 430 -1.67 -6.29 2.95
CA VAL A 430 -1.62 -4.89 3.31
C VAL A 430 -0.17 -4.57 3.68
N VAL A 431 0.40 -3.57 3.02
CA VAL A 431 1.77 -3.17 3.22
C VAL A 431 1.89 -1.77 3.81
N GLY A 432 0.81 -1.01 3.86
CA GLY A 432 0.90 0.30 4.44
C GLY A 432 -0.42 0.75 5.00
N VAL A 433 -0.37 1.48 6.11
CA VAL A 433 -1.58 2.09 6.65
C VAL A 433 -1.22 3.40 7.32
N ALA A 434 -2.09 4.40 7.17
CA ALA A 434 -1.82 5.70 7.76
C ALA A 434 -3.12 6.44 8.02
N VAL A 435 -3.15 7.26 9.06
CA VAL A 435 -4.30 8.13 9.21
C VAL A 435 -4.27 9.19 8.12
N GLY A 436 -5.44 9.57 7.62
CA GLY A 436 -5.53 10.55 6.58
C GLY A 436 -5.66 9.95 5.19
N ALA A 437 -5.41 10.80 4.21
CA ALA A 437 -5.72 10.51 2.81
C ALA A 437 -4.58 9.85 2.05
N ILE A 438 -3.38 9.83 2.58
CA ILE A 438 -2.19 9.41 1.85
C ILE A 438 -1.52 8.26 2.58
N VAL A 439 -1.15 7.24 1.82
CA VAL A 439 -0.45 6.09 2.38
C VAL A 439 0.56 5.58 1.37
N SER A 440 1.67 5.06 1.88
CA SER A 440 2.66 4.35 1.10
C SER A 440 3.00 3.09 1.86
N SER A 441 3.73 2.18 1.23
CA SER A 441 4.26 1.05 1.96
C SER A 441 5.04 1.61 3.16
N ASN A 442 4.73 1.15 4.35
CA ASN A 442 5.34 1.74 5.55
C ASN A 442 5.46 0.68 6.63
N GLU A 443 5.77 1.11 7.85
CA GLU A 443 6.06 0.18 8.92
C GLU A 443 4.95 0.17 9.96
N SER A 444 3.75 0.58 9.58
CA SER A 444 2.65 0.68 10.51
C SER A 444 1.68 -0.51 10.46
N VAL A 445 1.82 -1.40 9.47
CA VAL A 445 0.95 -2.58 9.44
C VAL A 445 1.28 -3.45 10.67
N GLY A 446 0.23 -3.93 11.31
CA GLY A 446 0.39 -4.75 12.51
C GLY A 446 0.79 -3.97 13.73
N HIS A 447 0.82 -2.64 13.63
CA HIS A 447 1.15 -1.76 14.74
C HIS A 447 -0.05 -0.90 15.08
N SER A 448 -0.17 -0.53 16.36
CA SER A 448 -1.19 0.45 16.72
C SER A 448 -0.82 1.82 16.19
N ILE A 449 -1.75 2.48 15.50
CA ILE A 449 -1.54 3.85 15.05
C ILE A 449 -2.69 4.71 15.54
N GLU A 450 -2.37 6.00 15.79
CA GLU A 450 -3.35 6.90 16.36
C GLU A 450 -4.11 7.65 15.29
N GLY A 451 -5.43 7.59 15.36
CA GLY A 451 -6.31 8.42 14.57
C GLY A 451 -6.76 9.66 15.32
N GLN A 452 -7.87 10.23 14.86
CA GLN A 452 -8.41 11.44 15.47
C GLN A 452 -9.16 11.13 16.77
N TYR A 453 -9.81 9.96 16.85
CA TYR A 453 -10.66 9.61 17.97
C TYR A 453 -10.27 8.31 18.62
N GLY A 454 -9.30 7.58 18.07
CA GLY A 454 -8.98 6.27 18.58
C GLY A 454 -7.79 5.70 17.84
N ASN A 455 -7.49 4.46 18.13
CA ASN A 455 -6.32 3.78 17.61
C ASN A 455 -6.76 2.62 16.72
N LEU A 456 -5.99 2.40 15.65
CA LEU A 456 -6.21 1.31 14.70
C LEU A 456 -5.01 0.38 14.72
N VAL A 457 -5.27 -0.91 14.76
CA VAL A 457 -4.30 -1.94 14.38
C VAL A 457 -4.85 -2.63 13.14
N LEU A 458 -4.18 -2.45 12.00
CA LEU A 458 -4.56 -3.11 10.74
C LEU A 458 -3.40 -4.00 10.31
N ASN A 459 -3.68 -5.28 10.19
CA ASN A 459 -2.68 -6.30 9.94
C ASN A 459 -2.55 -6.58 8.45
N SER A 460 -1.49 -7.34 8.10
CA SER A 460 -1.20 -7.58 6.69
C SER A 460 -2.26 -8.42 6.00
N ASP A 461 -3.01 -9.25 6.72
CA ASP A 461 -4.13 -9.99 6.17
C ASP A 461 -5.44 -9.22 6.12
N GLY A 462 -5.41 -7.92 6.34
CA GLY A 462 -6.57 -7.07 6.25
C GLY A 462 -7.38 -6.95 7.51
N SER A 463 -7.10 -7.75 8.54
CA SER A 463 -7.91 -7.72 9.75
C SER A 463 -7.53 -6.49 10.55
N TYR A 464 -8.53 -5.84 11.17
CA TYR A 464 -8.28 -4.67 11.97
C TYR A 464 -9.13 -4.65 13.23
N VAL A 465 -8.61 -3.94 14.20
CA VAL A 465 -9.30 -3.56 15.42
C VAL A 465 -9.13 -2.06 15.61
N TYR A 466 -10.23 -1.35 15.75
CA TYR A 466 -10.24 0.05 16.05
C TYR A 466 -10.85 0.29 17.44
N VAL A 468 -11.77 3.30 20.21
CA VAL A 468 -12.07 4.70 20.52
C VAL A 468 -11.50 5.15 21.85
N THR A 469 -10.53 6.05 21.79
CA THR A 469 -9.88 6.58 22.98
C THR A 469 -10.39 7.95 23.38
N ALA A 470 -11.02 8.68 22.46
CA ALA A 470 -11.50 10.02 22.74
C ALA A 470 -12.61 10.01 23.79
N SER A 471 -12.68 11.10 24.56
CA SER A 471 -13.80 11.30 25.46
C SER A 471 -15.05 11.66 24.67
N VAL A 472 -16.21 11.31 25.21
CA VAL A 472 -17.47 11.57 24.51
C VAL A 472 -17.59 13.04 24.16
N SER A 473 -17.12 13.92 25.05
CA SER A 473 -17.26 15.35 24.82
C SER A 473 -16.47 15.82 23.60
N ASP A 474 -15.49 15.05 23.15
CA ASP A 474 -14.65 15.41 22.02
C ASP A 474 -15.11 14.77 20.71
N ILE A 475 -16.22 14.05 20.72
CA ILE A 475 -16.74 13.37 19.53
C ILE A 475 -17.92 14.18 19.00
N PRO A 476 -17.74 14.97 17.96
CA PRO A 476 -18.87 15.74 17.43
C PRO A 476 -19.84 14.87 16.65
N ALA A 477 -21.04 15.43 16.45
CA ALA A 477 -22.00 14.78 15.57
C ALA A 477 -21.35 14.57 14.20
N GLY A 478 -21.57 13.39 13.62
CA GLY A 478 -21.00 13.08 12.33
C GLY A 478 -19.51 12.83 12.33
N ALA A 479 -18.91 12.61 13.50
CA ALA A 479 -17.48 12.33 13.56
C ALA A 479 -17.14 11.11 12.70
N THR A 480 -16.01 11.19 12.00
CA THR A 480 -15.56 10.13 11.12
C THR A 480 -14.04 10.00 11.19
N GLU A 481 -13.58 8.76 11.33
CA GLU A 481 -12.16 8.43 11.14
C GLU A 481 -11.94 8.02 9.69
N SER A 482 -10.79 8.40 9.15
CA SER A 482 -10.39 7.96 7.81
C SER A 482 -8.94 7.48 7.88
N PHE A 483 -8.73 6.21 7.58
CA PHE A 483 -7.41 5.61 7.47
C PHE A 483 -7.22 5.13 6.03
N ALA A 484 -6.12 5.49 5.43
CA ALA A 484 -5.77 5.02 4.09
C ALA A 484 -4.91 3.77 4.25
N TYR A 485 -5.19 2.77 3.44
CA TYR A 485 -4.40 1.56 3.46
C TYR A 485 -3.97 1.25 2.03
N LEU A 486 -2.85 0.52 1.94
CA LEU A 486 -2.24 0.17 0.67
C LEU A 486 -2.04 -1.33 0.62
N ILE A 487 -2.55 -1.96 -0.45
CA ILE A 487 -2.39 -3.38 -0.68
C ILE A 487 -1.44 -3.55 -1.84
N GLN A 488 -0.73 -4.68 -1.85
CA GLN A 488 0.30 -4.97 -2.82
C GLN A 488 0.25 -6.43 -3.24
N ASP A 489 0.37 -6.69 -4.57
CA ASP A 489 0.31 -8.06 -5.04
C ASP A 489 1.71 -8.66 -5.17
N GLN A 490 1.77 -9.85 -5.76
CA GLN A 490 2.98 -10.68 -5.75
C GLN A 490 4.19 -9.95 -6.35
N ASP A 491 3.99 -9.16 -7.42
CA ASP A 491 5.11 -8.49 -8.10
C ASP A 491 5.09 -6.98 -7.96
N GLY A 492 4.48 -6.49 -6.87
CA GLY A 492 4.66 -5.12 -6.45
C GLY A 492 3.58 -4.12 -6.81
N SER A 493 2.54 -4.54 -7.52
CA SER A 493 1.50 -3.60 -7.89
C SER A 493 0.74 -3.23 -6.62
N THR A 494 0.27 -1.99 -6.56
CA THR A 494 -0.32 -1.49 -5.33
C THR A 494 -1.60 -0.74 -5.64
N SER A 495 -2.47 -0.70 -4.65
CA SER A 495 -3.73 0.03 -4.74
C SER A 495 -4.06 0.52 -3.34
N SER A 496 -4.61 1.74 -3.24
CA SER A 496 -4.94 2.30 -1.93
C SER A 496 -6.46 2.49 -1.82
N ALA A 497 -6.96 2.44 -0.60
CA ALA A 497 -8.37 2.70 -0.34
C ALA A 497 -8.49 3.24 1.08
N ASN A 498 -9.67 3.71 1.45
N ASN A 498 -9.70 3.65 1.47
CA ASN A 498 -9.85 4.31 2.78
CA ASN A 498 -9.96 4.35 2.73
C ASN A 498 -10.86 3.52 3.58
C ASN A 498 -10.89 3.51 3.59
N LEU A 499 -10.50 3.30 4.84
CA LEU A 499 -11.36 2.71 5.84
C LEU A 499 -11.92 3.86 6.64
N SER A 500 -13.24 4.05 6.53
CA SER A 500 -13.95 5.14 7.19
C SER A 500 -14.76 4.55 8.34
N ILE A 501 -14.57 5.09 9.53
CA ILE A 501 -15.27 4.59 10.70
C ILE A 501 -16.11 5.73 11.24
N ASN A 502 -17.43 5.53 11.22
CA ASN A 502 -18.37 6.46 11.83
C ASN A 502 -18.30 6.26 13.33
N VAL A 503 -18.02 7.33 14.06
CA VAL A 503 -17.95 7.31 15.52
C VAL A 503 -19.12 8.13 16.03
N GLY A 504 -20.12 7.45 16.62
CA GLY A 504 -21.28 8.11 17.17
C GLY A 504 -21.30 8.02 18.69
N THR A 505 -22.18 8.80 19.29
CA THR A 505 -22.42 8.72 20.72
C THR A 505 -23.88 8.41 20.98
N ASN A 506 -24.15 7.77 22.12
CA ASN A 506 -25.51 7.37 22.47
C ASN A 506 -25.77 7.57 23.96
CA GLY B 1 25.01 12.99 50.12
C GLY B 1 24.33 13.94 51.09
N TYR B 2 23.58 14.91 50.57
CA TYR B 2 23.17 16.03 51.39
C TYR B 2 21.72 16.46 51.21
N THR B 3 21.31 16.95 50.03
CA THR B 3 19.91 17.30 49.84
C THR B 3 19.30 16.58 48.65
N SER B 4 17.97 16.41 48.72
CA SER B 4 17.19 15.77 47.67
C SER B 4 15.93 16.57 47.35
#